data_5OQW
#
_entry.id   5OQW
#
_cell.length_a   99.380
_cell.length_b   99.380
_cell.length_c   106.733
_cell.angle_alpha   90.00
_cell.angle_beta   90.00
_cell.angle_gamma   90.00
#
_symmetry.space_group_name_H-M   'P 41 21 2'
#
loop_
_entity.id
_entity.type
_entity.pdbx_description
1 polymer 'E3 ubiquitin-protein ligase XIAP'
2 non-polymer 'ZINC ION'
3 non-polymer 'SODIUM ION'
4 non-polymer 1-[6-[(4-fluorophenyl)methyl]-5-(hydroxymethyl)-3,3-dimethyl-2~{H}-pyrrolo[3,2-b]pyridin-1-yl]-2-[(2~{R},5~{R})-5-methyl-2-[[(3~{R})-3-methylmorpholin-4-yl]methyl]piperazin-4-ium-1-yl]ethanone
5 water water
#
_entity_poly.entity_id   1
_entity_poly.type   'polypeptide(L)'
_entity_poly.pdbx_seq_one_letter_code
;MGSSHHHHHHSSGLVPRGSHMNFPNSTNLPRNPSMADYEARIFTFGTWIYSVNKEQLARAGFYALGEGDKVKCFHCGGGL
TDWKPSEDPWEQHAKWYPGCKYLLEQKGQEYINNIHLTHSLEECLVR
;
_entity_poly.pdbx_strand_id   A,B
#
# COMPACT_ATOMS: atom_id res chain seq x y z
N ASN A 22 -1.60 3.96 -11.43
CA ASN A 22 -2.06 2.66 -10.83
C ASN A 22 -1.35 2.27 -9.52
N PHE A 23 -0.07 2.63 -9.33
CA PHE A 23 0.58 2.49 -8.01
C PHE A 23 0.15 3.65 -7.11
N PRO A 24 0.11 3.44 -5.78
CA PRO A 24 -0.40 4.46 -4.87
C PRO A 24 0.66 5.53 -4.56
N ASN A 25 0.21 6.77 -4.40
CA ASN A 25 1.11 7.88 -4.12
C ASN A 25 1.45 7.89 -2.64
N SER A 26 2.74 7.77 -2.36
CA SER A 26 3.28 7.74 -1.01
C SER A 26 4.14 8.95 -0.70
N THR A 27 4.12 9.97 -1.55
CA THR A 27 4.85 11.20 -1.26
C THR A 27 4.01 12.06 -0.36
N ASN A 28 4.62 13.09 0.17
CA ASN A 28 3.95 14.14 0.93
C ASN A 28 3.20 15.14 0.09
N LEU A 29 3.18 14.99 -1.23
CA LEU A 29 2.41 15.85 -2.10
C LEU A 29 1.18 15.13 -2.63
N PRO A 30 0.01 15.79 -2.61
CA PRO A 30 -1.22 15.12 -3.01
C PRO A 30 -1.33 14.90 -4.50
N ARG A 31 -1.78 13.72 -4.90
CA ARG A 31 -1.91 13.38 -6.33
C ARG A 31 -2.96 14.20 -7.07
N ASN A 32 -4.06 14.53 -6.40
CA ASN A 32 -5.14 15.35 -6.96
C ASN A 32 -5.30 16.59 -6.08
N PRO A 33 -4.42 17.60 -6.25
CA PRO A 33 -4.56 18.77 -5.40
C PRO A 33 -5.85 19.57 -5.54
N SER A 34 -6.57 19.43 -6.65
CA SER A 34 -7.89 20.08 -6.80
C SER A 34 -8.94 19.60 -5.80
N MET A 35 -8.75 18.39 -5.27
CA MET A 35 -9.61 17.82 -4.23
C MET A 35 -8.99 17.89 -2.83
N ALA A 36 -8.07 18.84 -2.60
CA ALA A 36 -7.39 18.95 -1.29
C ALA A 36 -8.27 19.54 -0.20
N ASP A 37 -9.30 20.28 -0.59
CA ASP A 37 -10.22 20.91 0.37
C ASP A 37 -11.44 20.05 0.67
N TYR A 38 -11.76 19.93 1.95
CA TYR A 38 -13.01 19.32 2.37
C TYR A 38 -14.16 19.79 1.47
N GLU A 39 -14.37 21.11 1.39
CA GLU A 39 -15.43 21.68 0.56
C GLU A 39 -15.51 21.02 -0.82
N ALA A 40 -14.40 21.03 -1.54
CA ALA A 40 -14.36 20.53 -2.92
C ALA A 40 -14.71 19.06 -3.02
N ARG A 41 -14.25 18.26 -2.06
CA ARG A 41 -14.57 16.83 -2.04
C ARG A 41 -16.07 16.61 -1.82
N ILE A 42 -16.63 17.27 -0.80
CA ILE A 42 -18.08 17.22 -0.54
C ILE A 42 -18.91 17.43 -1.80
N PHE A 43 -18.61 18.46 -2.58
CA PHE A 43 -19.38 18.73 -3.78
C PHE A 43 -19.41 17.57 -4.77
N THR A 44 -18.44 16.66 -4.75
CA THR A 44 -18.40 15.53 -5.71
C THR A 44 -19.50 14.48 -5.52
N PHE A 45 -20.05 14.39 -4.32
CA PHE A 45 -21.02 13.35 -4.00
C PHE A 45 -22.39 13.64 -4.56
N GLY A 46 -22.87 14.85 -4.32
CA GLY A 46 -24.26 15.18 -4.59
C GLY A 46 -25.15 14.35 -3.68
N THR A 47 -26.39 14.13 -4.09
CA THR A 47 -27.30 13.29 -3.32
C THR A 47 -26.71 11.87 -3.26
N TRP A 48 -26.38 11.44 -2.03
CA TRP A 48 -25.64 10.20 -1.75
C TRP A 48 -26.57 9.17 -1.12
N ILE A 49 -26.80 8.08 -1.83
CA ILE A 49 -27.76 7.05 -1.45
C ILE A 49 -27.11 5.90 -0.71
N TYR A 50 -25.78 5.90 -0.61
CA TYR A 50 -25.04 4.72 -0.18
C TYR A 50 -24.88 4.69 1.34
N SER A 51 -24.55 3.50 1.83
CA SER A 51 -24.65 3.20 3.26
C SER A 51 -23.66 3.99 4.15
N VAL A 52 -22.59 4.49 3.56
CA VAL A 52 -21.57 5.21 4.30
C VAL A 52 -21.72 6.73 4.16
N ASN A 53 -21.36 7.44 5.22
CA ASN A 53 -21.69 8.84 5.41
C ASN A 53 -20.78 9.62 4.50
N LYS A 54 -21.31 10.58 3.74
CA LYS A 54 -20.46 11.32 2.80
C LYS A 54 -19.48 12.28 3.49
N GLU A 55 -19.87 12.84 4.62
CA GLU A 55 -18.98 13.70 5.41
C GLU A 55 -17.81 12.90 6.02
N GLN A 56 -18.08 11.73 6.61
CA GLN A 56 -17.00 10.85 7.13
C GLN A 56 -16.00 10.49 6.02
N LEU A 57 -16.53 10.28 4.80
CA LEU A 57 -15.74 9.98 3.63
C LEU A 57 -14.89 11.19 3.22
N ALA A 58 -15.49 12.37 3.24
CA ALA A 58 -14.76 13.59 2.88
C ALA A 58 -13.65 13.90 3.88
N ARG A 59 -13.98 13.85 5.16
CA ARG A 59 -13.01 14.10 6.23
C ARG A 59 -11.85 13.12 6.15
N ALA A 60 -12.12 11.91 5.67
CA ALA A 60 -11.10 10.88 5.47
C ALA A 60 -10.35 10.99 4.14
N GLY A 61 -10.50 12.11 3.42
CA GLY A 61 -9.78 12.38 2.19
C GLY A 61 -10.44 11.93 0.91
N PHE A 62 -11.56 11.18 1.01
CA PHE A 62 -12.19 10.62 -0.17
C PHE A 62 -13.13 11.59 -0.88
N TYR A 63 -13.22 11.45 -2.20
CA TYR A 63 -14.18 12.16 -3.03
C TYR A 63 -14.74 11.13 -4.00
N ALA A 64 -15.90 11.39 -4.57
CA ALA A 64 -16.60 10.37 -5.35
C ALA A 64 -16.30 10.50 -6.82
N LEU A 65 -16.27 9.37 -7.50
CA LEU A 65 -16.15 9.34 -8.94
C LEU A 65 -17.48 9.56 -9.67
N GLY A 66 -18.61 9.44 -8.96
CA GLY A 66 -19.89 9.46 -9.62
C GLY A 66 -20.21 8.16 -10.31
N GLU A 67 -19.51 7.10 -9.93
CA GLU A 67 -19.77 5.76 -10.47
C GLU A 67 -20.07 4.85 -9.29
N GLY A 68 -21.35 4.58 -9.06
CA GLY A 68 -21.77 3.91 -7.84
C GLY A 68 -21.15 4.59 -6.63
N ASP A 69 -20.68 3.78 -5.68
CA ASP A 69 -19.98 4.30 -4.48
C ASP A 69 -18.45 4.23 -4.56
N LYS A 70 -17.90 4.23 -5.77
CA LYS A 70 -16.46 4.39 -5.95
C LYS A 70 -15.98 5.74 -5.42
N VAL A 71 -14.96 5.71 -4.56
CA VAL A 71 -14.28 6.91 -4.12
C VAL A 71 -12.77 6.76 -4.23
N LYS A 72 -12.06 7.89 -4.24
CA LYS A 72 -10.59 7.91 -4.17
C LYS A 72 -10.10 8.99 -3.23
N CYS A 73 -8.97 8.73 -2.55
CA CYS A 73 -8.28 9.74 -1.73
C CYS A 73 -7.62 10.77 -2.64
N PHE A 74 -7.78 12.04 -2.29
CA PHE A 74 -7.12 13.11 -3.05
C PHE A 74 -5.60 13.06 -2.99
N HIS A 75 -5.05 12.47 -1.93
CA HIS A 75 -3.64 12.52 -1.68
C HIS A 75 -2.97 11.27 -2.23
N CYS A 76 -3.36 10.10 -1.73
CA CYS A 76 -2.77 8.87 -2.21
C CYS A 76 -3.33 8.39 -3.55
N GLY A 77 -4.53 8.83 -3.91
CA GLY A 77 -5.21 8.37 -5.13
C GLY A 77 -5.85 6.99 -5.01
N GLY A 78 -5.84 6.42 -3.80
CA GLY A 78 -6.24 5.04 -3.61
C GLY A 78 -7.75 4.95 -3.67
N GLY A 79 -8.24 3.96 -4.40
CA GLY A 79 -9.65 3.82 -4.67
C GLY A 79 -10.28 2.73 -3.83
N LEU A 80 -11.54 2.94 -3.45
CA LEU A 80 -12.32 1.97 -2.70
C LEU A 80 -13.78 1.98 -3.18
N THR A 81 -14.42 0.82 -3.10
CA THR A 81 -15.81 0.66 -3.55
C THR A 81 -16.59 -0.32 -2.65
N ASP A 82 -17.87 -0.49 -2.98
CA ASP A 82 -18.74 -1.48 -2.33
C ASP A 82 -18.77 -1.30 -0.79
N TRP A 83 -19.18 -0.11 -0.36
CA TRP A 83 -19.21 0.25 1.05
C TRP A 83 -20.36 -0.41 1.77
N LYS A 84 -20.04 -1.27 2.74
CA LYS A 84 -21.00 -1.81 3.68
C LYS A 84 -21.18 -0.83 4.85
N PRO A 85 -22.27 -0.97 5.63
CA PRO A 85 -22.51 -0.07 6.77
C PRO A 85 -21.45 -0.15 7.88
N SER A 86 -20.86 -1.34 8.05
CA SER A 86 -19.84 -1.59 9.07
C SER A 86 -18.41 -1.15 8.67
N GLU A 87 -18.22 -0.61 7.48
CA GLU A 87 -16.88 -0.22 7.02
C GLU A 87 -16.68 1.28 7.23
N ASP A 88 -15.68 1.65 8.04
CA ASP A 88 -15.40 3.07 8.35
C ASP A 88 -14.40 3.58 7.31
N PRO A 89 -14.64 4.78 6.75
CA PRO A 89 -13.66 5.41 5.86
C PRO A 89 -12.18 5.38 6.31
N TRP A 90 -11.89 5.92 7.47
CA TRP A 90 -10.53 5.93 7.96
C TRP A 90 -9.94 4.53 8.08
N GLU A 91 -10.69 3.59 8.65
CA GLU A 91 -10.16 2.23 8.76
C GLU A 91 -9.79 1.59 7.41
N GLN A 92 -10.64 1.81 6.40
CA GLN A 92 -10.43 1.24 5.07
C GLN A 92 -9.24 1.90 4.35
N HIS A 93 -9.15 3.22 4.51
CA HIS A 93 -8.03 4.04 4.05
C HIS A 93 -6.71 3.43 4.55
N ALA A 94 -6.64 3.23 5.85
CA ALA A 94 -5.48 2.61 6.45
C ALA A 94 -5.26 1.17 5.99
N LYS A 95 -6.31 0.38 5.87
CA LYS A 95 -6.17 -1.03 5.47
C LYS A 95 -5.52 -1.16 4.11
N TRP A 96 -6.05 -0.39 3.17
CA TRP A 96 -5.70 -0.57 1.77
C TRP A 96 -4.62 0.38 1.28
N TYR A 97 -4.52 1.56 1.90
CA TYR A 97 -3.56 2.58 1.47
C TYR A 97 -2.71 3.12 2.62
N PRO A 98 -1.97 2.21 3.29
CA PRO A 98 -1.24 2.53 4.49
C PRO A 98 -0.06 3.45 4.29
N GLY A 99 0.37 3.60 3.04
CA GLY A 99 1.40 4.57 2.72
C GLY A 99 0.96 6.01 2.56
N CYS A 100 -0.35 6.28 2.63
CA CYS A 100 -0.89 7.60 2.38
C CYS A 100 -0.36 8.55 3.43
N LYS A 101 0.18 9.68 3.01
CA LYS A 101 0.72 10.68 3.92
C LYS A 101 -0.33 11.59 4.51
N TYR A 102 -1.45 11.73 3.82
CA TYR A 102 -2.60 12.41 4.40
C TYR A 102 -3.09 11.65 5.63
N LEU A 103 -3.38 10.37 5.45
CA LEU A 103 -3.67 9.44 6.53
C LEU A 103 -2.67 9.55 7.69
N LEU A 104 -1.38 9.55 7.37
CA LEU A 104 -0.36 9.68 8.41
C LEU A 104 -0.47 11.02 9.14
N GLU A 105 -0.71 12.09 8.40
CA GLU A 105 -0.80 13.42 8.96
CA GLU A 105 -0.79 13.42 9.00
C GLU A 105 -2.01 13.55 9.91
N GLN A 106 -3.13 12.92 9.53
CA GLN A 106 -4.39 13.09 10.26
C GLN A 106 -4.58 12.19 11.47
N LYS A 107 -4.14 10.93 11.37
CA LYS A 107 -4.34 9.93 12.41
C LYS A 107 -3.11 9.58 13.23
N GLY A 108 -1.92 9.65 12.64
CA GLY A 108 -0.73 9.18 13.33
C GLY A 108 -0.46 7.72 13.02
N GLN A 109 0.80 7.32 13.19
CA GLN A 109 1.21 5.94 12.91
C GLN A 109 0.62 4.96 13.94
N GLU A 110 0.47 5.35 15.20
CA GLU A 110 -0.10 4.42 16.17
C GLU A 110 -1.56 4.06 15.86
N TYR A 111 -2.33 5.00 15.30
CA TYR A 111 -3.67 4.69 14.82
C TYR A 111 -3.58 3.68 13.72
N ILE A 112 -2.64 3.87 12.80
CA ILE A 112 -2.56 3.01 11.62
C ILE A 112 -2.21 1.61 12.06
N ASN A 113 -1.26 1.52 12.99
CA ASN A 113 -0.82 0.24 13.48
C ASN A 113 -1.96 -0.48 14.15
N ASN A 114 -2.69 0.25 15.02
CA ASN A 114 -3.92 -0.27 15.66
C ASN A 114 -4.78 -0.95 14.63
N ILE A 115 -5.17 -0.21 13.60
CA ILE A 115 -6.04 -0.76 12.55
C ILE A 115 -5.46 -2.04 11.93
N HIS A 116 -4.17 -2.04 11.63
CA HIS A 116 -3.61 -3.20 10.97
C HIS A 116 -3.44 -4.37 11.87
N LEU A 117 -2.90 -4.11 13.05
CA LEU A 117 -2.90 -5.13 14.08
C LEU A 117 -4.31 -5.72 14.18
N THR A 118 -5.31 -4.86 14.18
CA THR A 118 -6.71 -5.28 14.33
C THR A 118 -7.14 -6.21 13.19
N HIS A 119 -6.89 -5.81 11.95
CA HIS A 119 -7.41 -6.60 10.82
C HIS A 119 -6.74 -7.98 10.67
N SER A 120 -5.41 -8.01 10.65
CA SER A 120 -4.65 -9.27 10.82
C SER A 120 -5.22 -10.25 11.89
N LEU A 121 -5.42 -9.77 13.11
CA LEU A 121 -5.98 -10.60 14.19
C LEU A 121 -7.45 -10.96 13.94
N GLU A 122 -8.18 -10.08 13.23
CA GLU A 122 -9.58 -10.35 12.83
C GLU A 122 -9.65 -11.59 11.95
N GLU A 123 -8.78 -11.60 10.92
CA GLU A 123 -8.50 -12.73 10.02
C GLU A 123 -8.32 -14.06 10.75
N CYS A 124 -7.51 -13.99 11.79
CA CYS A 124 -6.93 -15.14 12.44
C CYS A 124 -7.89 -15.87 13.37
N LEU A 125 -8.75 -15.13 14.07
CA LEU A 125 -9.74 -15.76 15.00
C LEU A 125 -10.85 -16.58 14.29
N VAL A 126 -11.32 -16.07 13.16
CA VAL A 126 -12.45 -16.67 12.41
C VAL A 126 -12.16 -18.03 11.76
N ARG A 127 -10.89 -18.35 11.49
CA ARG A 127 -10.52 -19.58 10.78
C ARG A 127 -10.58 -20.79 11.70
N MET B 21 -7.69 -12.48 2.60
CA MET B 21 -7.89 -11.18 1.87
C MET B 21 -6.59 -10.73 1.17
N ASN B 22 -6.76 -9.82 0.21
CA ASN B 22 -5.63 -9.29 -0.55
C ASN B 22 -4.67 -8.46 0.34
N PHE B 23 -5.22 -7.69 1.30
CA PHE B 23 -4.53 -6.49 1.88
C PHE B 23 -3.11 -6.69 2.44
N PRO B 24 -2.26 -5.64 2.40
CA PRO B 24 -0.87 -5.82 2.77
C PRO B 24 -0.60 -5.67 4.29
N ASN B 25 0.25 -6.54 4.84
CA ASN B 25 0.65 -6.44 6.26
C ASN B 25 1.51 -5.19 6.53
N SER B 26 0.92 -4.27 7.27
CA SER B 26 1.59 -3.08 7.76
C SER B 26 1.90 -3.13 9.25
N THR B 27 1.77 -4.30 9.88
CA THR B 27 2.21 -4.48 11.25
C THR B 27 3.70 -4.76 11.28
N ASN B 28 4.30 -4.64 12.47
CA ASN B 28 5.68 -5.02 12.70
C ASN B 28 5.95 -6.52 12.85
N LEU B 29 4.91 -7.35 12.73
CA LEU B 29 5.05 -8.80 12.77
C LEU B 29 5.04 -9.34 11.34
N PRO B 30 6.06 -10.15 10.98
CA PRO B 30 6.09 -10.67 9.62
C PRO B 30 4.96 -11.63 9.32
N ARG B 31 4.38 -11.50 8.15
CA ARG B 31 3.37 -12.42 7.66
C ARG B 31 3.88 -13.87 7.53
N ASN B 32 5.13 -14.07 7.11
CA ASN B 32 5.69 -15.42 6.96
C ASN B 32 7.02 -15.53 7.69
N PRO B 33 6.99 -15.71 9.03
CA PRO B 33 8.25 -15.84 9.81
C PRO B 33 9.19 -16.96 9.39
N SER B 34 8.68 -18.01 8.74
CA SER B 34 9.53 -19.08 8.19
C SER B 34 10.52 -18.58 7.10
N MET B 35 10.22 -17.44 6.50
CA MET B 35 11.10 -16.81 5.51
C MET B 35 11.83 -15.57 6.04
N ALA B 36 11.94 -15.46 7.36
CA ALA B 36 12.57 -14.30 7.99
C ALA B 36 14.08 -14.27 7.83
N ASP B 37 14.70 -15.43 7.56
CA ASP B 37 16.14 -15.50 7.36
C ASP B 37 16.47 -15.40 5.88
N TYR B 38 17.59 -14.78 5.58
CA TYR B 38 18.09 -14.69 4.21
C TYR B 38 18.24 -16.07 3.61
N GLU B 39 18.94 -16.97 4.31
CA GLU B 39 19.28 -18.30 3.77
C GLU B 39 18.01 -19.11 3.44
N ALA B 40 16.97 -18.95 4.25
CA ALA B 40 15.68 -19.58 3.98
C ALA B 40 15.10 -19.09 2.66
N ARG B 41 15.16 -17.78 2.46
CA ARG B 41 14.66 -17.15 1.24
C ARG B 41 15.48 -17.57 0.02
N ILE B 42 16.79 -17.58 0.17
CA ILE B 42 17.67 -17.92 -0.97
C ILE B 42 17.34 -19.29 -1.56
N PHE B 43 17.22 -20.31 -0.70
CA PHE B 43 16.89 -21.66 -1.15
C PHE B 43 15.63 -21.71 -2.04
N THR B 44 14.67 -20.82 -1.82
CA THR B 44 13.39 -20.89 -2.56
C THR B 44 13.53 -20.67 -4.08
N PHE B 45 14.54 -19.91 -4.47
CA PHE B 45 14.75 -19.59 -5.87
C PHE B 45 15.35 -20.76 -6.68
N GLY B 46 16.16 -21.58 -6.02
CA GLY B 46 16.94 -22.64 -6.70
C GLY B 46 17.77 -22.05 -7.82
N THR B 47 17.83 -22.74 -8.95
CA THR B 47 18.32 -22.12 -10.17
C THR B 47 17.28 -21.10 -10.64
N TRP B 48 17.80 -19.99 -11.16
CA TRP B 48 17.04 -18.78 -11.39
C TRP B 48 17.81 -17.94 -12.42
N ILE B 49 17.26 -17.86 -13.62
CA ILE B 49 17.86 -17.08 -14.70
C ILE B 49 16.84 -16.07 -15.24
N TYR B 50 15.98 -15.57 -14.37
CA TYR B 50 15.11 -14.44 -14.73
C TYR B 50 15.93 -13.16 -14.85
N SER B 51 15.31 -12.15 -15.47
CA SER B 51 15.95 -10.85 -15.74
C SER B 51 16.66 -10.24 -14.52
N VAL B 52 16.06 -10.45 -13.34
CA VAL B 52 16.52 -9.85 -12.11
C VAL B 52 17.08 -10.84 -11.09
N ASN B 53 18.00 -10.34 -10.29
CA ASN B 53 18.96 -11.14 -9.53
C ASN B 53 18.39 -11.69 -8.21
N LYS B 54 18.54 -13.00 -8.00
CA LYS B 54 17.95 -13.70 -6.84
C LYS B 54 18.50 -13.27 -5.47
N GLU B 55 19.79 -12.95 -5.40
CA GLU B 55 20.41 -12.52 -4.14
C GLU B 55 19.84 -11.17 -3.73
N GLN B 56 19.63 -10.32 -4.72
CA GLN B 56 19.14 -8.97 -4.50
C GLN B 56 17.66 -8.98 -4.11
N LEU B 57 16.90 -9.96 -4.61
CA LEU B 57 15.51 -10.16 -4.21
C LEU B 57 15.46 -10.62 -2.75
N ALA B 58 16.19 -11.69 -2.46
CA ALA B 58 16.34 -12.20 -1.08
C ALA B 58 16.75 -11.12 -0.06
N ARG B 59 17.71 -10.28 -0.40
CA ARG B 59 18.07 -9.16 0.50
C ARG B 59 16.92 -8.17 0.65
N ALA B 60 16.14 -7.98 -0.40
CA ALA B 60 15.00 -7.07 -0.36
C ALA B 60 13.72 -7.65 0.32
N GLY B 61 13.86 -8.82 0.95
CA GLY B 61 12.78 -9.47 1.72
C GLY B 61 12.07 -10.59 0.98
N PHE B 62 12.38 -10.79 -0.30
CA PHE B 62 11.58 -11.64 -1.16
C PHE B 62 12.02 -13.09 -1.14
N TYR B 63 11.05 -14.00 -1.26
CA TYR B 63 11.31 -15.41 -1.52
C TYR B 63 10.47 -15.80 -2.75
N ALA B 64 10.82 -16.92 -3.41
CA ALA B 64 10.10 -17.40 -4.60
C ALA B 64 8.82 -18.14 -4.23
N LEU B 65 7.75 -17.89 -4.98
CA LEU B 65 6.49 -18.65 -4.85
C LEU B 65 6.59 -20.04 -5.47
N GLY B 66 7.46 -20.21 -6.47
CA GLY B 66 7.69 -21.47 -7.16
C GLY B 66 6.90 -21.60 -8.44
N GLU B 67 6.46 -20.46 -8.98
CA GLU B 67 5.79 -20.39 -10.29
C GLU B 67 6.15 -19.09 -10.97
N GLY B 68 6.65 -19.19 -12.20
CA GLY B 68 7.20 -18.04 -12.93
C GLY B 68 8.25 -17.32 -12.09
N ASP B 69 8.29 -16.00 -12.23
CA ASP B 69 9.16 -15.15 -11.40
C ASP B 69 8.36 -14.44 -10.28
N LYS B 70 7.33 -15.12 -9.76
CA LYS B 70 6.55 -14.60 -8.65
C LYS B 70 7.32 -14.70 -7.35
N VAL B 71 7.40 -13.57 -6.64
CA VAL B 71 7.98 -13.50 -5.32
C VAL B 71 7.03 -12.77 -4.37
N LYS B 72 7.24 -13.02 -3.08
CA LYS B 72 6.46 -12.40 -2.01
C LYS B 72 7.42 -11.88 -0.98
N CYS B 73 7.13 -10.71 -0.41
CA CYS B 73 7.85 -10.24 0.76
C CYS B 73 7.44 -11.14 1.94
N PHE B 74 8.42 -11.58 2.71
CA PHE B 74 8.14 -12.42 3.87
C PHE B 74 7.41 -11.63 4.95
N HIS B 75 7.59 -10.30 4.97
CA HIS B 75 7.06 -9.49 6.03
C HIS B 75 5.67 -8.93 5.71
N CYS B 76 5.60 -8.14 4.65
CA CYS B 76 4.34 -7.51 4.27
C CYS B 76 3.46 -8.44 3.47
N GLY B 77 4.01 -9.57 3.01
CA GLY B 77 3.25 -10.51 2.18
C GLY B 77 3.12 -10.09 0.72
N GLY B 78 3.59 -8.90 0.38
CA GLY B 78 3.34 -8.32 -0.92
C GLY B 78 4.01 -9.09 -2.07
N GLY B 79 3.22 -9.33 -3.11
CA GLY B 79 3.62 -10.14 -4.26
C GLY B 79 3.99 -9.28 -5.45
N LEU B 80 5.01 -9.73 -6.19
CA LEU B 80 5.45 -9.07 -7.42
C LEU B 80 5.88 -10.09 -8.49
N THR B 81 5.58 -9.79 -9.75
CA THR B 81 5.93 -10.68 -10.85
C THR B 81 6.45 -9.91 -12.09
N ASP B 82 6.74 -10.62 -13.18
CA ASP B 82 7.14 -10.00 -14.48
C ASP B 82 8.29 -9.00 -14.38
N TRP B 83 9.39 -9.45 -13.77
CA TRP B 83 10.55 -8.58 -13.56
C TRP B 83 11.26 -8.25 -14.86
N LYS B 84 11.49 -6.95 -15.08
CA LYS B 84 12.28 -6.43 -16.18
C LYS B 84 13.73 -6.21 -15.73
N PRO B 85 14.68 -6.20 -16.68
CA PRO B 85 16.08 -5.88 -16.32
C PRO B 85 16.28 -4.52 -15.60
N SER B 86 15.46 -3.52 -15.94
CA SER B 86 15.52 -2.18 -15.35
C SER B 86 14.76 -2.01 -14.00
N GLU B 87 14.11 -3.06 -13.50
CA GLU B 87 13.28 -2.99 -12.29
C GLU B 87 14.07 -3.54 -11.09
N ASP B 88 14.27 -2.69 -10.07
CA ASP B 88 15.09 -3.01 -8.90
C ASP B 88 14.20 -3.58 -7.80
N PRO B 89 14.64 -4.67 -7.13
CA PRO B 89 13.89 -5.24 -6.00
C PRO B 89 13.43 -4.29 -4.89
N TRP B 90 14.37 -3.54 -4.30
CA TRP B 90 14.03 -2.57 -3.26
C TRP B 90 13.11 -1.53 -3.80
N GLU B 91 13.39 -1.02 -5.00
CA GLU B 91 12.56 0.06 -5.52
C GLU B 91 11.13 -0.36 -5.78
N GLN B 92 10.93 -1.58 -6.28
CA GLN B 92 9.59 -2.07 -6.57
C GLN B 92 8.79 -2.41 -5.29
N HIS B 93 9.51 -2.91 -4.29
CA HIS B 93 9.01 -3.16 -2.95
C HIS B 93 8.43 -1.90 -2.35
N ALA B 94 9.12 -0.77 -2.58
CA ALA B 94 8.66 0.52 -2.08
C ALA B 94 7.53 1.09 -2.88
N LYS B 95 7.58 0.92 -4.19
CA LYS B 95 6.51 1.42 -5.06
C LYS B 95 5.16 0.84 -4.62
N TRP B 96 5.11 -0.48 -4.54
CA TRP B 96 3.88 -1.25 -4.41
C TRP B 96 3.46 -1.59 -2.97
N TYR B 97 4.44 -1.74 -2.08
CA TYR B 97 4.20 -2.03 -0.69
C TYR B 97 4.92 -1.03 0.25
N PRO B 98 4.60 0.27 0.12
CA PRO B 98 5.18 1.32 0.95
C PRO B 98 4.90 1.23 2.46
N GLY B 99 3.86 0.50 2.87
CA GLY B 99 3.58 0.30 4.29
C GLY B 99 4.41 -0.79 4.93
N CYS B 100 5.25 -1.47 4.17
CA CYS B 100 6.04 -2.61 4.68
C CYS B 100 7.01 -2.17 5.77
N LYS B 101 6.95 -2.83 6.92
CA LYS B 101 7.82 -2.50 8.05
C LYS B 101 9.23 -3.07 7.90
N TYR B 102 9.39 -4.15 7.15
CA TYR B 102 10.73 -4.64 6.79
C TYR B 102 11.43 -3.57 5.95
N LEU B 103 10.81 -3.18 4.82
CA LEU B 103 11.23 -2.03 4.04
C LEU B 103 11.67 -0.88 4.91
N LEU B 104 10.79 -0.44 5.80
CA LEU B 104 11.07 0.72 6.64
C LEU B 104 12.31 0.53 7.50
N GLU B 105 12.49 -0.68 8.02
CA GLU B 105 13.60 -0.98 8.92
C GLU B 105 14.92 -1.02 8.15
N GLN B 106 14.91 -1.69 7.00
CA GLN B 106 16.13 -1.88 6.21
C GLN B 106 16.63 -0.62 5.48
N LYS B 107 15.73 0.16 4.89
CA LYS B 107 16.11 1.31 4.07
C LYS B 107 15.95 2.66 4.75
N GLY B 108 14.89 2.82 5.53
CA GLY B 108 14.68 4.05 6.28
C GLY B 108 14.23 5.25 5.47
N GLN B 109 13.22 5.93 6.01
CA GLN B 109 12.35 6.93 5.33
C GLN B 109 13.04 7.92 4.32
N GLU B 110 14.25 8.40 4.59
CA GLU B 110 14.85 9.36 3.64
C GLU B 110 15.04 8.70 2.27
N TYR B 111 15.68 7.55 2.24
CA TYR B 111 15.67 6.67 1.05
C TYR B 111 14.25 6.52 0.51
N ILE B 112 13.34 6.14 1.38
CA ILE B 112 11.99 5.72 0.96
C ILE B 112 11.19 6.86 0.29
N ASN B 113 11.31 8.08 0.81
CA ASN B 113 10.62 9.21 0.22
C ASN B 113 11.24 9.60 -1.11
N ASN B 114 12.56 9.69 -1.16
CA ASN B 114 13.22 10.04 -2.43
C ASN B 114 12.72 9.08 -3.52
N ILE B 115 12.75 7.80 -3.26
CA ILE B 115 12.20 6.86 -4.25
C ILE B 115 10.69 7.02 -4.58
N HIS B 116 9.85 7.39 -3.61
CA HIS B 116 8.46 7.73 -3.93
C HIS B 116 8.40 8.93 -4.83
N LEU B 117 9.15 9.96 -4.46
CA LEU B 117 9.22 11.18 -5.28
C LEU B 117 9.69 10.87 -6.70
N THR B 118 10.66 9.98 -6.81
CA THR B 118 11.22 9.61 -8.10
C THR B 118 10.12 9.00 -8.96
N HIS B 119 9.41 8.04 -8.39
CA HIS B 119 8.29 7.39 -9.06
C HIS B 119 7.17 8.36 -9.43
N SER B 120 6.64 9.04 -8.41
CA SER B 120 5.52 9.94 -8.58
C SER B 120 5.86 11.08 -9.53
N LEU B 121 7.16 11.34 -9.76
CA LEU B 121 7.59 12.31 -10.77
C LEU B 121 7.43 11.77 -12.17
N GLU B 122 7.99 10.60 -12.43
CA GLU B 122 7.86 9.93 -13.73
C GLU B 122 6.37 9.82 -14.18
N GLU B 123 5.51 9.33 -13.26
CA GLU B 123 4.02 9.24 -13.45
C GLU B 123 3.35 10.58 -13.77
N CYS B 124 3.92 11.67 -13.25
CA CYS B 124 3.46 13.03 -13.54
C CYS B 124 4.43 13.78 -14.52
N LEU B 125 4.97 13.09 -15.53
CA LEU B 125 5.80 13.80 -16.51
C LEU B 125 5.61 13.34 -17.95
N VAL B 126 6.21 12.22 -18.34
CA VAL B 126 5.95 11.63 -19.67
C VAL B 126 4.49 11.13 -19.75
N ARG B 127 4.03 10.47 -18.69
CA ARG B 127 2.60 10.09 -18.54
C ARG B 127 1.79 11.35 -18.23
#